data_2OXX
#
_entry.id   2OXX
#
_cell.length_a   141.348
_cell.length_b   60.524
_cell.length_c   45.492
_cell.angle_alpha   90.00
_cell.angle_beta   102.82
_cell.angle_gamma   90.00
#
_symmetry.space_group_name_H-M   'C 1 2 1'
#
loop_
_entity.id
_entity.type
_entity.pdbx_description
1 polymer 'Casein kinase II subunit alpha'
2 non-polymer 4,5,6,7-TETRABROMO-1H,3H-BENZIMIDAZOL-2-THIONE
3 water water
#
_entity_poly.entity_id   1
_entity_poly.type   'polypeptide(L)'
_entity_poly.pdbx_seq_one_letter_code
;MSKARVYADVNVLRPKEYWDYEALTVQWGEQDDYEVVRKVGRGKYSEVFEGINVNNNEKCIIKILKPVKKKKIKREIKIL
QNLCGGPNIVKLLDIVRDQHSKTPSLIFEYVNNTDFKVLYPTLTDYDIRYYIYELLKALDYCHSQGIMHRDVKPHNVMID
HELRKLRLIDWGLAEFYHPGKEYNVRVASRYFKGPELLVDLQDYDYSLDMWSLGCMFAGMIFRKEPFFYGHDNHDQLVKI
AKVLGTDGLNVYLNKYRIELDPQLEALVGRHSRKPWLKFMNADNQHLVSPEAIDFLDKLLRYDHQERLTALEAMTHPYFQ
QVRAAENSRTRA
;
_entity_poly.pdbx_strand_id   A
#
loop_
_chem_comp.id
_chem_comp.type
_chem_comp.name
_chem_comp.formula
K22 non-polymer 4,5,6,7-TETRABROMO-1H,3H-BENZIMIDAZOL-2-THIONE 'C7 H2 Br4 N2 S'
#
# COMPACT_ATOMS: atom_id res chain seq x y z
N SER A 2 -9.96 7.71 17.61
CA SER A 2 -9.66 6.30 17.25
C SER A 2 -8.17 5.99 17.35
N LYS A 3 -7.83 4.89 18.01
CA LYS A 3 -6.46 4.42 18.05
C LYS A 3 -6.31 3.08 17.34
N ALA A 4 -5.06 2.68 17.10
CA ALA A 4 -4.76 1.38 16.51
C ALA A 4 -4.95 0.27 17.54
N ARG A 5 -5.55 -0.84 17.11
CA ARG A 5 -5.74 -2.02 17.97
C ARG A 5 -4.43 -2.78 18.20
N VAL A 6 -3.41 -2.46 17.41
CA VAL A 6 -2.08 -3.04 17.56
C VAL A 6 -0.96 -2.02 17.29
N TYR A 7 0.19 -2.22 17.94
CA TYR A 7 1.43 -1.47 17.69
C TYR A 7 1.27 0.03 17.93
N ALA A 8 0.31 0.38 18.78
CA ALA A 8 -0.01 1.77 19.04
C ALA A 8 1.15 2.47 19.74
N ASP A 9 1.86 1.75 20.60
CA ASP A 9 3.01 2.31 21.34
C ASP A 9 4.40 2.12 20.71
N VAL A 10 4.47 1.88 19.39
CA VAL A 10 5.77 1.62 18.75
C VAL A 10 6.67 2.86 18.77
N ASN A 11 6.21 3.91 18.11
CA ASN A 11 6.93 5.18 18.07
C ASN A 11 6.97 5.94 19.41
N VAL A 12 6.24 5.42 20.39
CA VAL A 12 6.15 5.99 21.75
C VAL A 12 7.29 5.49 22.63
N LEU A 13 7.59 4.20 22.52
CA LEU A 13 8.67 3.55 23.27
C LEU A 13 10.02 3.68 22.61
N ARG A 14 10.03 4.17 21.38
CA ARG A 14 11.27 4.35 20.64
C ARG A 14 11.84 5.77 20.76
N PRO A 15 13.18 5.89 20.78
CA PRO A 15 13.89 7.18 20.78
C PRO A 15 13.39 8.15 19.72
N LYS A 16 13.48 9.45 19.99
CA LYS A 16 13.04 10.46 19.03
C LYS A 16 13.82 10.36 17.72
N GLU A 17 15.07 9.90 17.80
CA GLU A 17 15.87 9.58 16.59
C GLU A 17 15.02 8.85 15.56
N TYR A 18 14.29 7.84 16.03
CA TYR A 18 13.59 6.89 15.17
C TYR A 18 12.55 7.58 14.29
N TRP A 19 11.59 8.23 14.93
CA TRP A 19 10.42 8.69 14.22
C TRP A 19 10.52 10.15 13.81
N ASP A 20 11.41 10.90 14.46
CA ASP A 20 11.59 12.31 14.13
C ASP A 20 12.42 12.48 12.85
N TYR A 21 11.73 12.44 11.71
CA TYR A 21 12.37 12.50 10.39
C TYR A 21 12.90 13.89 10.02
N GLU A 22 12.34 14.94 10.62
CA GLU A 22 12.78 16.32 10.36
C GLU A 22 14.19 16.62 10.88
N ALA A 23 14.65 15.82 11.84
CA ALA A 23 16.01 15.95 12.38
C ALA A 23 17.02 15.11 11.60
N LEU A 24 16.60 14.48 10.51
CA LEU A 24 17.53 13.69 9.69
C LEU A 24 18.48 14.61 8.93
N THR A 25 19.76 14.29 8.99
CA THR A 25 20.75 14.97 8.18
C THR A 25 21.31 13.95 7.19
N VAL A 26 20.95 14.12 5.92
CA VAL A 26 21.28 13.15 4.86
C VAL A 26 22.77 13.11 4.57
N GLN A 27 23.35 11.90 4.61
CA GLN A 27 24.75 11.68 4.23
C GLN A 27 24.80 11.29 2.76
N TRP A 28 24.98 12.28 1.89
CA TRP A 28 24.90 12.06 0.44
C TRP A 28 26.02 11.18 -0.11
N GLY A 29 25.66 10.34 -1.08
CA GLY A 29 26.60 9.41 -1.71
C GLY A 29 27.23 10.02 -2.94
N GLU A 30 27.75 9.17 -3.81
CA GLU A 30 28.43 9.61 -5.04
C GLU A 30 27.52 9.35 -6.24
N GLN A 31 27.16 10.40 -6.97
CA GLN A 31 26.26 10.30 -8.14
C GLN A 31 26.87 9.57 -9.34
N ASP A 32 28.21 9.53 -9.42
CA ASP A 32 28.95 8.86 -10.49
C ASP A 32 28.92 7.33 -10.39
N ASP A 33 28.60 6.81 -9.20
CA ASP A 33 28.60 5.37 -8.96
C ASP A 33 27.49 4.65 -9.72
N TYR A 34 26.51 5.42 -10.18
CA TYR A 34 25.25 4.89 -10.69
C TYR A 34 24.89 5.51 -12.01
N GLU A 35 24.95 4.70 -13.06
CA GLU A 35 24.63 5.16 -14.41
C GLU A 35 23.26 4.66 -14.83
N VAL A 36 22.49 5.53 -15.47
CA VAL A 36 21.18 5.17 -16.03
C VAL A 36 21.36 4.27 -17.25
N VAL A 37 20.67 3.13 -17.24
CA VAL A 37 20.64 2.22 -18.40
C VAL A 37 19.36 2.41 -19.24
N ARG A 38 18.20 2.35 -18.57
CA ARG A 38 16.91 2.42 -19.25
C ARG A 38 15.78 2.92 -18.32
N LYS A 39 14.79 3.59 -18.90
CA LYS A 39 13.60 4.01 -18.12
C LYS A 39 12.70 2.83 -17.88
N VAL A 40 12.16 2.71 -16.67
CA VAL A 40 11.29 1.57 -16.30
C VAL A 40 9.95 2.00 -15.70
N GLY A 41 9.76 3.30 -15.51
CA GLY A 41 8.52 3.81 -14.94
C GLY A 41 8.54 5.30 -14.68
N ARG A 42 7.39 5.81 -14.26
CA ARG A 42 7.20 7.24 -13.99
C ARG A 42 5.95 7.44 -13.16
N GLY A 43 5.89 8.56 -12.46
CA GLY A 43 4.72 8.91 -11.68
C GLY A 43 4.69 10.39 -11.43
N LYS A 44 3.76 10.82 -10.58
CA LYS A 44 3.63 12.24 -10.23
C LYS A 44 4.87 12.82 -9.55
N TYR A 45 5.57 12.03 -8.72
CA TYR A 45 6.65 12.53 -7.88
C TYR A 45 8.08 12.09 -8.22
N SER A 46 8.22 11.26 -9.26
CA SER A 46 9.53 10.75 -9.67
C SER A 46 9.55 10.09 -11.05
N GLU A 47 10.74 10.04 -11.67
CA GLU A 47 11.00 9.14 -12.81
C GLU A 47 11.93 8.03 -12.35
N VAL A 48 11.76 6.85 -12.93
CA VAL A 48 12.47 5.65 -12.48
C VAL A 48 13.20 4.96 -13.62
N PHE A 49 14.47 4.61 -13.36
CA PHE A 49 15.34 4.02 -14.35
C PHE A 49 16.05 2.77 -13.84
N GLU A 50 16.19 1.79 -14.74
CA GLU A 50 17.11 0.69 -14.55
C GLU A 50 18.51 1.27 -14.58
N GLY A 51 19.35 0.86 -13.64
CA GLY A 51 20.69 1.42 -13.56
C GLY A 51 21.80 0.40 -13.46
N ILE A 52 23.02 0.89 -13.30
CA ILE A 52 24.18 0.04 -13.07
C ILE A 52 25.09 0.70 -12.03
N ASN A 53 25.63 -0.12 -11.12
CA ASN A 53 26.67 0.33 -10.20
C ASN A 53 28.03 0.12 -10.87
N VAL A 54 28.72 1.21 -11.18
CA VAL A 54 29.98 1.14 -11.95
C VAL A 54 31.14 0.51 -11.17
N ASN A 55 31.04 0.53 -9.85
CA ASN A 55 32.01 -0.17 -9.00
C ASN A 55 31.93 -1.69 -9.20
N ASN A 56 30.74 -2.27 -9.04
CA ASN A 56 30.60 -3.73 -9.06
C ASN A 56 29.89 -4.37 -10.27
N ASN A 57 29.53 -3.55 -11.26
CA ASN A 57 28.75 -3.97 -12.46
C ASN A 57 27.37 -4.53 -12.15
N GLU A 58 26.88 -4.25 -10.93
CA GLU A 58 25.61 -4.81 -10.48
C GLU A 58 24.44 -3.92 -10.86
N LYS A 59 23.33 -4.52 -11.27
CA LYS A 59 22.13 -3.76 -11.62
C LYS A 59 21.57 -3.04 -10.39
N CYS A 60 20.79 -1.99 -10.63
CA CYS A 60 20.09 -1.26 -9.57
C CYS A 60 18.92 -0.45 -10.13
N ILE A 61 18.14 0.14 -9.23
CA ILE A 61 17.03 1.00 -9.62
C ILE A 61 17.31 2.43 -9.16
N ILE A 62 17.31 3.34 -10.13
CA ILE A 62 17.57 4.74 -9.89
C ILE A 62 16.24 5.45 -9.95
N LYS A 63 15.85 6.05 -8.82
CA LYS A 63 14.60 6.76 -8.71
C LYS A 63 14.93 8.24 -8.57
N ILE A 64 14.79 8.97 -9.69
CA ILE A 64 15.05 10.40 -9.74
C ILE A 64 13.81 11.15 -9.30
N LEU A 65 13.95 12.03 -8.31
CA LEU A 65 12.80 12.70 -7.71
C LEU A 65 12.52 14.09 -8.30
N LYS A 66 11.25 14.34 -8.61
CA LYS A 66 10.79 15.64 -9.07
C LYS A 66 10.80 16.61 -7.88
N PRO A 67 11.01 17.92 -8.14
CA PRO A 67 11.18 18.90 -7.07
C PRO A 67 10.28 18.61 -5.88
N VAL A 68 10.92 18.23 -4.77
CA VAL A 68 10.22 17.79 -3.57
C VAL A 68 10.62 18.69 -2.39
N LYS A 69 9.69 18.91 -1.47
CA LYS A 69 10.00 19.64 -0.22
C LYS A 69 10.99 18.85 0.63
N LYS A 70 11.89 19.57 1.32
CA LYS A 70 12.90 18.95 2.17
C LYS A 70 12.27 18.06 3.22
N LYS A 71 11.13 18.50 3.75
CA LYS A 71 10.36 17.77 4.75
C LYS A 71 9.91 16.40 4.23
N LYS A 72 9.28 16.39 3.05
CA LYS A 72 8.75 15.17 2.47
C LYS A 72 9.82 14.15 2.10
N ILE A 73 10.94 14.60 1.56
CA ILE A 73 12.02 13.69 1.14
C ILE A 73 12.71 12.99 2.33
N LYS A 74 12.94 13.74 3.41
CA LYS A 74 13.45 13.19 4.66
C LYS A 74 12.51 12.13 5.25
N ARG A 75 11.19 12.37 5.16
CA ARG A 75 10.19 11.38 5.56
C ARG A 75 10.37 10.07 4.81
N GLU A 76 10.52 10.16 3.49
CA GLU A 76 10.68 8.94 2.69
C GLU A 76 11.96 8.19 3.07
N ILE A 77 13.05 8.94 3.20
CA ILE A 77 14.37 8.38 3.55
C ILE A 77 14.42 7.74 4.92
N LYS A 78 13.95 8.46 5.94
CA LYS A 78 13.94 7.96 7.30
C LYS A 78 13.18 6.63 7.40
N ILE A 79 12.03 6.56 6.73
CA ILE A 79 11.19 5.37 6.72
C ILE A 79 11.94 4.23 6.04
N LEU A 80 12.49 4.53 4.85
CA LEU A 80 13.28 3.57 4.10
C LEU A 80 14.44 3.00 4.89
N GLN A 81 15.11 3.85 5.68
CA GLN A 81 16.27 3.44 6.48
C GLN A 81 15.82 2.64 7.68
N ASN A 82 14.72 3.07 8.30
CA ASN A 82 14.07 2.33 9.40
C ASN A 82 13.65 0.90 9.01
N LEU A 83 13.12 0.75 7.79
CA LEU A 83 12.57 -0.52 7.35
C LEU A 83 13.54 -1.36 6.53
N CYS A 84 14.70 -0.79 6.19
CA CYS A 84 15.69 -1.47 5.36
C CYS A 84 16.14 -2.79 5.99
N GLY A 85 15.70 -3.92 5.44
CA GLY A 85 16.11 -5.21 5.97
C GLY A 85 14.96 -6.13 6.37
N GLY A 86 13.80 -5.54 6.71
CA GLY A 86 12.63 -6.32 7.04
C GLY A 86 12.02 -7.00 5.82
N PRO A 87 11.22 -8.06 6.04
CA PRO A 87 10.57 -8.87 5.02
C PRO A 87 9.99 -8.10 3.84
N ASN A 88 10.40 -8.48 2.63
CA ASN A 88 9.88 -7.94 1.36
C ASN A 88 9.71 -6.41 1.25
N ILE A 89 10.54 -5.67 1.99
CA ILE A 89 10.67 -4.21 1.84
C ILE A 89 11.76 -3.89 0.81
N VAL A 90 11.46 -2.96 -0.10
CA VAL A 90 12.47 -2.44 -1.04
C VAL A 90 13.69 -1.94 -0.26
N LYS A 91 14.88 -2.40 -0.68
CA LYS A 91 16.12 -2.00 0.01
C LYS A 91 16.73 -0.75 -0.63
N LEU A 92 16.82 0.31 0.19
CA LEU A 92 17.45 1.55 -0.21
C LEU A 92 18.95 1.38 -0.11
N LEU A 93 19.62 1.45 -1.26
CA LEU A 93 21.06 1.19 -1.35
C LEU A 93 21.95 2.42 -1.08
N ASP A 94 21.51 3.59 -1.54
CA ASP A 94 22.30 4.84 -1.48
C ASP A 94 21.38 6.03 -1.77
N ILE A 95 21.84 7.21 -1.41
CA ILE A 95 21.12 8.44 -1.69
C ILE A 95 22.14 9.40 -2.27
N VAL A 96 21.84 9.93 -3.45
CA VAL A 96 22.78 10.81 -4.17
C VAL A 96 22.04 12.01 -4.72
N ARG A 97 22.77 12.94 -5.31
CA ARG A 97 22.18 14.15 -5.86
C ARG A 97 23.03 14.67 -7.03
N ASP A 98 22.34 15.26 -8.01
CA ASP A 98 22.98 15.98 -9.10
C ASP A 98 23.60 17.24 -8.50
N GLN A 99 24.93 17.33 -8.58
CA GLN A 99 25.66 18.44 -7.98
C GLN A 99 25.10 19.82 -8.39
N HIS A 100 24.86 20.02 -9.68
CA HIS A 100 24.47 21.32 -10.19
C HIS A 100 23.08 21.81 -9.78
N SER A 101 22.09 20.92 -9.83
CA SER A 101 20.70 21.31 -9.61
C SER A 101 20.16 20.86 -8.24
N LYS A 102 20.89 19.93 -7.61
CA LYS A 102 20.53 19.35 -6.30
C LYS A 102 19.37 18.33 -6.35
N THR A 103 18.97 17.90 -7.55
CA THR A 103 17.91 16.90 -7.66
C THR A 103 18.34 15.55 -7.06
N PRO A 104 17.62 15.08 -6.02
CA PRO A 104 18.01 13.84 -5.38
C PRO A 104 17.59 12.61 -6.18
N SER A 105 18.40 11.56 -6.09
CA SER A 105 18.08 10.24 -6.61
C SER A 105 18.22 9.25 -5.49
N LEU A 106 17.27 8.32 -5.43
CA LEU A 106 17.33 7.19 -4.50
C LEU A 106 17.68 5.93 -5.28
N ILE A 107 18.68 5.20 -4.79
CA ILE A 107 19.18 4.00 -5.45
C ILE A 107 18.67 2.82 -4.67
N PHE A 108 18.07 1.88 -5.40
CA PHE A 108 17.40 0.76 -4.79
C PHE A 108 18.01 -0.51 -5.36
N GLU A 109 17.78 -1.61 -4.67
CA GLU A 109 18.06 -2.93 -5.22
C GLU A 109 17.31 -3.08 -6.53
N TYR A 110 17.85 -3.86 -7.46
CA TYR A 110 17.15 -4.14 -8.71
C TYR A 110 16.08 -5.20 -8.51
N VAL A 111 14.96 -5.04 -9.19
CA VAL A 111 13.94 -6.08 -9.26
C VAL A 111 13.44 -6.18 -10.70
N ASN A 112 13.48 -7.39 -11.23
CA ASN A 112 13.01 -7.64 -12.58
C ASN A 112 11.50 -7.81 -12.58
N ASN A 113 10.78 -6.69 -12.56
CA ASN A 113 9.33 -6.66 -12.39
C ASN A 113 8.55 -6.89 -13.69
N THR A 114 7.42 -7.60 -13.55
CA THR A 114 6.48 -7.78 -14.66
C THR A 114 5.17 -7.02 -14.40
N ASP A 115 4.82 -6.10 -15.30
CA ASP A 115 3.64 -5.27 -15.10
C ASP A 115 2.41 -6.11 -14.73
N PHE A 116 1.71 -5.64 -13.69
CA PHE A 116 0.54 -6.34 -13.16
C PHE A 116 -0.58 -6.55 -14.18
N LYS A 117 -0.69 -5.65 -15.17
CA LYS A 117 -1.69 -5.79 -16.26
C LYS A 117 -1.35 -6.97 -17.16
N VAL A 118 -0.08 -7.33 -17.19
CA VAL A 118 0.42 -8.44 -18.01
C VAL A 118 0.57 -9.70 -17.13
N LEU A 119 1.21 -9.53 -15.97
CA LEU A 119 1.41 -10.59 -14.97
C LEU A 119 0.12 -11.20 -14.35
N TYR A 120 -0.75 -10.36 -13.76
CA TYR A 120 -1.89 -10.83 -12.96
C TYR A 120 -2.84 -11.81 -13.66
N PRO A 121 -3.22 -11.55 -14.93
CA PRO A 121 -4.06 -12.55 -15.65
C PRO A 121 -3.44 -13.96 -15.78
N THR A 122 -2.12 -14.07 -15.60
CA THR A 122 -1.44 -15.38 -15.71
C THR A 122 -1.26 -16.07 -14.33
N LEU A 123 -1.51 -15.33 -13.25
CA LEU A 123 -1.40 -15.87 -11.92
C LEU A 123 -2.46 -16.93 -11.68
N THR A 124 -2.03 -18.07 -11.16
CA THR A 124 -2.94 -19.15 -10.77
C THR A 124 -3.52 -18.86 -9.39
N ASP A 125 -4.54 -19.62 -9.02
CA ASP A 125 -5.08 -19.65 -7.66
C ASP A 125 -3.99 -19.61 -6.59
N TYR A 126 -2.99 -20.47 -6.71
CA TYR A 126 -1.94 -20.57 -5.70
C TYR A 126 -1.01 -19.37 -5.65
N ASP A 127 -0.58 -18.88 -6.83
CA ASP A 127 0.32 -17.73 -6.95
C ASP A 127 -0.25 -16.51 -6.24
N ILE A 128 -1.55 -16.30 -6.41
CA ILE A 128 -2.26 -15.20 -5.78
C ILE A 128 -2.16 -15.31 -4.26
N ARG A 129 -2.47 -16.49 -3.73
CA ARG A 129 -2.35 -16.76 -2.29
C ARG A 129 -0.94 -16.42 -1.79
N TYR A 130 0.06 -16.97 -2.49
CA TYR A 130 1.47 -16.77 -2.21
C TYR A 130 1.92 -15.29 -2.23
N TYR A 131 1.58 -14.56 -3.29
CA TYR A 131 2.04 -13.18 -3.38
C TYR A 131 1.34 -12.23 -2.40
N ILE A 132 0.07 -12.51 -2.07
CA ILE A 132 -0.60 -11.67 -1.07
C ILE A 132 0.01 -11.93 0.31
N TYR A 133 0.36 -13.19 0.56
CA TYR A 133 1.04 -13.56 1.77
C TYR A 133 2.37 -12.84 1.91
N GLU A 134 3.12 -12.74 0.81
CA GLU A 134 4.40 -12.01 0.79
C GLU A 134 4.22 -10.52 1.08
N LEU A 135 3.23 -9.92 0.44
CA LEU A 135 2.81 -8.54 0.72
C LEU A 135 2.38 -8.35 2.20
N LEU A 136 1.61 -9.30 2.73
CA LEU A 136 1.24 -9.29 4.14
C LEU A 136 2.43 -9.24 5.10
N LYS A 137 3.55 -9.85 4.71
CA LYS A 137 4.80 -9.82 5.48
C LYS A 137 5.39 -8.43 5.53
N ALA A 138 5.33 -7.74 4.40
CA ALA A 138 5.79 -6.35 4.32
C ALA A 138 4.91 -5.49 5.21
N LEU A 139 3.62 -5.69 5.10
CA LEU A 139 2.67 -4.86 5.82
C LEU A 139 2.79 -5.04 7.32
N ASP A 140 2.77 -6.28 7.82
CA ASP A 140 2.96 -6.51 9.25
C ASP A 140 4.32 -6.04 9.73
N TYR A 141 5.35 -6.22 8.91
CA TYR A 141 6.64 -5.70 9.31
C TYR A 141 6.61 -4.20 9.54
N CYS A 142 6.14 -3.44 8.55
CA CYS A 142 6.18 -1.98 8.63
C CYS A 142 5.23 -1.48 9.72
N HIS A 143 4.05 -2.10 9.80
CA HIS A 143 3.13 -1.81 10.88
C HIS A 143 3.81 -2.04 12.25
N SER A 144 4.59 -3.12 12.35
CA SER A 144 5.30 -3.46 13.61
C SER A 144 6.36 -2.44 14.00
N GLN A 145 6.79 -1.66 13.01
CA GLN A 145 7.84 -0.65 13.16
C GLN A 145 7.25 0.76 13.28
N GLY A 146 5.93 0.85 13.24
CA GLY A 146 5.22 2.12 13.42
C GLY A 146 4.97 2.90 12.14
N ILE A 147 4.98 2.22 11.01
CA ILE A 147 4.85 2.87 9.72
C ILE A 147 3.56 2.42 9.07
N MET A 148 2.80 3.35 8.48
CA MET A 148 1.69 3.02 7.59
C MET A 148 2.16 3.34 6.20
N HIS A 149 2.01 2.42 5.24
CA HIS A 149 2.43 2.66 3.84
C HIS A 149 1.57 3.73 3.13
N ARG A 150 0.26 3.66 3.31
CA ARG A 150 -0.70 4.67 2.81
C ARG A 150 -0.82 4.77 1.28
N ASP A 151 -0.23 3.82 0.57
CA ASP A 151 -0.38 3.80 -0.89
C ASP A 151 -0.20 2.37 -1.43
N VAL A 152 -0.98 1.44 -0.89
CA VAL A 152 -0.92 0.06 -1.31
C VAL A 152 -1.73 -0.14 -2.58
N LYS A 153 -1.04 -0.53 -3.65
CA LYS A 153 -1.68 -0.85 -4.92
C LYS A 153 -0.71 -1.77 -5.67
N PRO A 154 -1.18 -2.45 -6.74
CA PRO A 154 -0.31 -3.26 -7.60
C PRO A 154 0.94 -2.54 -8.10
N HIS A 155 0.82 -1.25 -8.42
CA HIS A 155 1.93 -0.47 -8.99
C HIS A 155 3.08 -0.29 -8.00
N ASN A 156 2.79 -0.55 -6.73
CA ASN A 156 3.79 -0.38 -5.68
C ASN A 156 4.20 -1.70 -5.13
N VAL A 157 3.76 -2.75 -5.82
CA VAL A 157 4.18 -4.09 -5.50
C VAL A 157 4.98 -4.66 -6.68
N MET A 158 6.30 -4.73 -6.49
CA MET A 158 7.20 -5.27 -7.53
C MET A 158 7.33 -6.79 -7.43
N ILE A 159 7.24 -7.46 -8.58
CA ILE A 159 7.18 -8.93 -8.66
C ILE A 159 8.00 -9.51 -9.83
N ASP A 160 9.02 -10.29 -9.47
CA ASP A 160 9.76 -11.12 -10.41
C ASP A 160 9.12 -12.51 -10.36
N HIS A 161 8.25 -12.79 -11.33
CA HIS A 161 7.48 -14.04 -11.33
C HIS A 161 8.39 -15.26 -11.39
N GLU A 162 9.43 -15.19 -12.22
CA GLU A 162 10.38 -16.29 -12.41
C GLU A 162 11.03 -16.68 -11.09
N LEU A 163 11.48 -15.68 -10.32
CA LEU A 163 12.19 -15.95 -9.07
C LEU A 163 11.26 -15.90 -7.85
N ARG A 164 10.00 -15.56 -8.09
CA ARG A 164 8.98 -15.49 -7.03
C ARG A 164 9.38 -14.56 -5.89
N LYS A 165 9.94 -13.40 -6.24
CA LYS A 165 10.32 -12.41 -5.25
C LYS A 165 9.40 -11.19 -5.32
N LEU A 166 8.98 -10.73 -4.14
CA LEU A 166 8.07 -9.60 -4.01
C LEU A 166 8.76 -8.51 -3.22
N ARG A 167 8.62 -7.28 -3.70
CA ARG A 167 9.10 -6.13 -2.98
C ARG A 167 7.99 -5.09 -2.91
N LEU A 168 7.69 -4.58 -1.71
CA LEU A 168 6.78 -3.45 -1.59
C LEU A 168 7.59 -2.18 -1.77
N ILE A 169 7.20 -1.39 -2.77
CA ILE A 169 7.91 -0.17 -3.15
C ILE A 169 7.07 1.09 -2.97
N ASP A 170 7.74 2.22 -3.19
CA ASP A 170 7.19 3.57 -3.14
C ASP A 170 6.64 3.95 -1.78
N TRP A 171 7.55 4.36 -0.91
CA TRP A 171 7.20 4.79 0.43
C TRP A 171 7.12 6.31 0.51
N GLY A 172 6.73 6.91 -0.61
CA GLY A 172 6.54 8.37 -0.74
C GLY A 172 5.34 8.94 0.00
N LEU A 173 4.35 8.09 0.30
CA LEU A 173 3.18 8.52 1.09
C LEU A 173 3.18 7.96 2.51
N ALA A 174 4.12 7.05 2.81
CA ALA A 174 4.20 6.38 4.10
C ALA A 174 4.37 7.39 5.24
N GLU A 175 3.97 7.01 6.46
CA GLU A 175 4.05 7.91 7.64
C GLU A 175 4.12 7.15 8.99
N PHE A 176 4.80 7.74 9.96
CA PHE A 176 4.88 7.22 11.34
C PHE A 176 3.52 7.31 12.02
N TYR A 177 3.05 6.20 12.60
CA TYR A 177 1.79 6.25 13.35
C TYR A 177 2.03 6.71 14.79
N HIS A 178 1.23 7.69 15.20
CA HIS A 178 1.26 8.24 16.55
C HIS A 178 -0.16 8.24 17.07
N PRO A 179 -0.38 7.78 18.33
CA PRO A 179 -1.73 7.55 18.87
C PRO A 179 -2.57 8.84 18.92
N GLY A 180 -3.67 8.85 18.16
CA GLY A 180 -4.60 9.99 18.15
C GLY A 180 -4.12 11.22 17.40
N LYS A 181 -3.06 11.06 16.61
CA LYS A 181 -2.58 12.14 15.76
C LYS A 181 -3.53 12.23 14.58
N GLU A 182 -3.96 13.44 14.26
CA GLU A 182 -4.84 13.67 13.13
C GLU A 182 -4.00 13.74 11.86
N TYR A 183 -4.34 12.90 10.88
CA TYR A 183 -3.58 12.80 9.63
C TYR A 183 -4.31 13.37 8.43
N ASN A 184 -3.52 13.74 7.42
CA ASN A 184 -4.00 14.17 6.11
C ASN A 184 -4.63 12.99 5.40
N VAL A 185 -5.85 13.19 4.92
CA VAL A 185 -6.63 12.14 4.26
C VAL A 185 -6.38 12.15 2.74
N ARG A 186 -5.40 12.95 2.33
CA ARG A 186 -5.08 13.05 0.91
C ARG A 186 -3.89 12.14 0.57
N VAL A 187 -4.07 10.86 0.91
CA VAL A 187 -3.08 9.80 0.70
C VAL A 187 -3.69 8.62 -0.05
N ALA A 188 -2.86 7.65 -0.43
CA ALA A 188 -3.23 6.54 -1.32
C ALA A 188 -3.68 6.99 -2.71
N SER A 189 -4.10 6.05 -3.52
CA SER A 189 -4.59 6.36 -4.85
C SER A 189 -6.06 6.06 -4.83
N ARG A 190 -6.81 6.75 -5.69
CA ARG A 190 -8.26 6.82 -5.51
C ARG A 190 -8.95 5.47 -5.29
N TYR A 191 -8.62 4.49 -6.12
CA TYR A 191 -9.35 3.23 -6.14
C TYR A 191 -9.07 2.35 -4.92
N PHE A 192 -8.07 2.76 -4.14
CA PHE A 192 -7.62 2.02 -2.98
C PHE A 192 -7.72 2.88 -1.70
N LYS A 193 -8.30 4.06 -1.81
CA LYS A 193 -8.60 4.87 -0.62
C LYS A 193 -9.70 4.19 0.20
N GLY A 194 -9.42 3.99 1.49
CA GLY A 194 -10.43 3.49 2.42
C GLY A 194 -11.47 4.55 2.76
N PRO A 195 -12.65 4.11 3.27
CA PRO A 195 -13.76 5.01 3.63
C PRO A 195 -13.40 6.07 4.66
N GLU A 196 -12.44 5.80 5.54
CA GLU A 196 -11.95 6.80 6.49
C GLU A 196 -11.43 8.10 5.83
N LEU A 197 -10.78 7.97 4.67
CA LEU A 197 -10.23 9.12 3.95
C LEU A 197 -11.32 9.83 3.18
N LEU A 198 -12.29 9.07 2.72
CA LEU A 198 -13.38 9.59 1.89
C LEU A 198 -14.43 10.33 2.72
N VAL A 199 -14.48 10.05 4.01
CA VAL A 199 -15.46 10.68 4.90
C VAL A 199 -14.78 11.65 5.89
N ASP A 200 -13.48 11.86 5.69
CA ASP A 200 -12.69 12.80 6.51
C ASP A 200 -12.44 12.36 7.95
N LEU A 201 -12.20 11.07 8.16
CA LEU A 201 -11.77 10.58 9.46
C LEU A 201 -10.24 10.65 9.48
N GLN A 202 -9.73 11.62 10.24
CA GLN A 202 -8.31 11.95 10.21
C GLN A 202 -7.50 11.07 11.13
N ASP A 203 -8.12 10.55 12.19
CA ASP A 203 -7.38 9.70 13.12
C ASP A 203 -7.42 8.22 12.71
N TYR A 204 -6.89 7.93 11.52
CA TYR A 204 -6.80 6.56 10.97
C TYR A 204 -5.46 5.90 11.37
N ASP A 205 -5.26 4.64 10.99
CA ASP A 205 -4.05 3.91 11.38
C ASP A 205 -3.63 2.90 10.34
N TYR A 206 -2.81 1.93 10.77
CA TYR A 206 -2.34 0.85 9.91
C TYR A 206 -3.47 0.20 9.11
N SER A 207 -4.65 0.13 9.74
CA SER A 207 -5.86 -0.47 9.17
C SER A 207 -6.18 0.03 7.77
N LEU A 208 -5.73 1.24 7.48
CA LEU A 208 -5.96 1.87 6.17
C LEU A 208 -5.41 0.99 5.06
N ASP A 209 -4.22 0.43 5.30
CA ASP A 209 -3.48 -0.35 4.30
C ASP A 209 -4.14 -1.69 4.04
N MET A 210 -4.96 -2.11 5.00
CA MET A 210 -5.70 -3.37 4.93
C MET A 210 -6.93 -3.24 4.05
N TRP A 211 -7.56 -2.07 4.05
CA TRP A 211 -8.59 -1.77 3.04
C TRP A 211 -7.98 -1.79 1.64
N SER A 212 -6.97 -0.96 1.43
CA SER A 212 -6.21 -0.88 0.16
C SER A 212 -5.84 -2.28 -0.30
N LEU A 213 -5.19 -3.04 0.59
CA LEU A 213 -4.90 -4.44 0.32
C LEU A 213 -6.14 -5.20 -0.19
N GLY A 214 -7.30 -4.92 0.40
CA GLY A 214 -8.52 -5.64 0.07
C GLY A 214 -9.07 -5.34 -1.32
N CYS A 215 -8.90 -4.08 -1.75
CA CYS A 215 -9.32 -3.67 -3.11
C CYS A 215 -8.42 -4.35 -4.14
N MET A 216 -7.13 -4.34 -3.85
CA MET A 216 -6.15 -5.01 -4.68
C MET A 216 -6.47 -6.50 -4.82
N PHE A 217 -6.67 -7.18 -3.69
CA PHE A 217 -7.06 -8.59 -3.66
C PHE A 217 -8.38 -8.88 -4.39
N ALA A 218 -9.41 -8.06 -4.16
CA ALA A 218 -10.70 -8.17 -4.84
C ALA A 218 -10.60 -8.08 -6.36
N GLY A 219 -9.75 -7.17 -6.86
CA GLY A 219 -9.45 -7.07 -8.29
C GLY A 219 -8.75 -8.29 -8.88
N MET A 220 -7.84 -8.89 -8.12
CA MET A 220 -7.09 -10.08 -8.57
C MET A 220 -7.96 -11.32 -8.71
N ILE A 221 -8.73 -11.67 -7.68
CA ILE A 221 -9.59 -12.86 -7.71
C ILE A 221 -10.80 -12.68 -8.62
N PHE A 222 -11.36 -11.48 -8.65
CA PHE A 222 -12.52 -11.21 -9.50
C PHE A 222 -12.20 -10.89 -10.96
N ARG A 223 -10.93 -10.61 -11.25
CA ARG A 223 -10.48 -10.15 -12.57
C ARG A 223 -11.26 -8.91 -13.02
N LYS A 224 -11.13 -7.86 -12.22
CA LYS A 224 -11.86 -6.61 -12.40
C LYS A 224 -11.06 -5.55 -11.65
N GLU A 225 -10.07 -4.98 -12.35
CA GLU A 225 -9.13 -4.01 -11.79
C GLU A 225 -9.28 -2.65 -12.50
N PRO A 226 -9.55 -1.57 -11.74
CA PRO A 226 -9.79 -1.56 -10.29
C PRO A 226 -11.14 -2.19 -9.93
N PHE A 227 -11.24 -2.73 -8.71
CA PHE A 227 -12.51 -3.30 -8.24
C PHE A 227 -13.54 -2.20 -7.92
N PHE A 228 -13.12 -1.13 -7.27
CA PHE A 228 -13.99 0.03 -7.04
C PHE A 228 -13.54 1.15 -7.97
N TYR A 229 -14.22 1.29 -9.11
CA TYR A 229 -13.85 2.26 -10.14
C TYR A 229 -14.66 3.55 -10.06
N GLY A 230 -14.25 4.44 -9.15
CA GLY A 230 -14.85 5.75 -9.01
C GLY A 230 -14.13 6.80 -9.84
N HIS A 231 -14.89 7.75 -10.39
CA HIS A 231 -14.31 8.83 -11.21
C HIS A 231 -13.68 9.93 -10.37
N ASP A 232 -14.24 10.17 -9.19
CA ASP A 232 -13.64 11.11 -8.22
C ASP A 232 -13.97 10.68 -6.79
N ASN A 233 -13.36 11.35 -5.81
CA ASN A 233 -13.49 11.02 -4.39
C ASN A 233 -14.90 10.73 -3.87
N HIS A 234 -15.88 11.48 -4.36
CA HIS A 234 -17.28 11.28 -3.99
C HIS A 234 -17.88 10.07 -4.69
N ASP A 235 -17.48 9.84 -5.94
CA ASP A 235 -17.92 8.69 -6.75
C ASP A 235 -17.25 7.39 -6.26
N GLN A 236 -16.03 7.53 -5.74
CA GLN A 236 -15.33 6.41 -5.13
C GLN A 236 -16.14 5.78 -4.00
N LEU A 237 -16.71 6.62 -3.13
CA LEU A 237 -17.55 6.16 -2.02
C LEU A 237 -18.89 5.56 -2.50
N VAL A 238 -19.47 6.15 -3.54
CA VAL A 238 -20.69 5.65 -4.17
C VAL A 238 -20.49 4.21 -4.66
N LYS A 239 -19.36 3.97 -5.32
CA LYS A 239 -18.97 2.65 -5.77
C LYS A 239 -18.83 1.63 -4.62
N ILE A 240 -18.21 2.04 -3.50
CA ILE A 240 -18.13 1.18 -2.31
C ILE A 240 -19.52 0.92 -1.71
N ALA A 241 -20.34 1.97 -1.62
CA ALA A 241 -21.70 1.91 -1.06
C ALA A 241 -22.62 1.01 -1.87
N LYS A 242 -22.43 1.01 -3.19
CA LYS A 242 -23.18 0.14 -4.09
C LYS A 242 -22.74 -1.34 -3.97
N VAL A 243 -21.71 -1.59 -3.15
CA VAL A 243 -21.28 -2.95 -2.84
C VAL A 243 -21.57 -3.30 -1.39
N LEU A 244 -20.90 -2.64 -0.45
CA LEU A 244 -21.02 -2.99 0.96
C LEU A 244 -22.39 -2.62 1.57
N GLY A 245 -23.12 -1.75 0.87
CA GLY A 245 -24.47 -1.33 1.27
C GLY A 245 -24.44 -0.09 2.14
N THR A 246 -25.53 0.67 2.14
CA THR A 246 -25.59 1.92 2.90
C THR A 246 -25.75 1.77 4.42
N ASP A 247 -26.41 0.71 4.87
CA ASP A 247 -26.65 0.53 6.30
C ASP A 247 -25.35 0.46 7.09
N GLY A 248 -24.40 -0.33 6.59
CA GLY A 248 -23.09 -0.50 7.20
C GLY A 248 -22.35 0.83 7.23
N LEU A 249 -22.58 1.63 6.20
CA LEU A 249 -22.04 2.99 6.14
C LEU A 249 -22.67 3.85 7.25
N ASN A 250 -23.99 3.74 7.41
CA ASN A 250 -24.74 4.49 8.40
C ASN A 250 -24.29 4.26 9.84
N VAL A 251 -24.13 3.00 10.22
CA VAL A 251 -23.66 2.63 11.56
C VAL A 251 -22.22 3.08 11.78
N TYR A 252 -21.39 2.95 10.74
CA TYR A 252 -19.98 3.38 10.77
C TYR A 252 -19.83 4.88 11.04
N LEU A 253 -20.61 5.68 10.34
CA LEU A 253 -20.58 7.14 10.45
C LEU A 253 -21.06 7.66 11.82
N ASN A 254 -22.05 7.00 12.40
CA ASN A 254 -22.59 7.41 13.69
C ASN A 254 -21.67 7.02 14.86
N LYS A 255 -21.03 5.85 14.75
CA LYS A 255 -20.01 5.39 15.72
C LYS A 255 -18.89 6.40 15.94
N TYR A 256 -18.40 7.02 14.86
CA TYR A 256 -17.31 7.99 14.96
C TYR A 256 -17.78 9.46 14.97
N ARG A 257 -19.11 9.65 14.99
CA ARG A 257 -19.75 10.96 14.99
C ARG A 257 -19.43 11.75 13.71
N ILE A 258 -19.34 11.02 12.60
CA ILE A 258 -19.02 11.63 11.32
C ILE A 258 -20.29 12.18 10.69
N GLU A 259 -20.22 13.41 10.21
CA GLU A 259 -21.28 14.01 9.42
C GLU A 259 -20.77 14.14 7.99
N LEU A 260 -21.54 13.59 7.06
CA LEU A 260 -21.23 13.67 5.64
C LEU A 260 -21.72 15.00 5.06
N ASP A 261 -21.06 15.45 3.98
CA ASP A 261 -21.52 16.60 3.21
C ASP A 261 -22.85 16.28 2.56
N PRO A 262 -23.81 17.23 2.62
CA PRO A 262 -25.11 17.00 1.96
C PRO A 262 -24.97 16.72 0.46
N GLN A 263 -23.93 17.27 -0.16
CA GLN A 263 -23.60 17.00 -1.55
C GLN A 263 -23.27 15.52 -1.72
N LEU A 264 -22.41 15.01 -0.83
CA LEU A 264 -21.96 13.62 -0.83
C LEU A 264 -23.06 12.63 -0.40
N GLU A 265 -23.75 12.94 0.70
CA GLU A 265 -24.83 12.10 1.20
C GLU A 265 -25.91 11.87 0.13
N ALA A 266 -26.24 12.92 -0.61
CA ALA A 266 -27.19 12.83 -1.71
C ALA A 266 -26.65 11.93 -2.82
N LEU A 267 -25.36 12.11 -3.12
CA LEU A 267 -24.69 11.35 -4.18
C LEU A 267 -24.69 9.85 -3.88
N VAL A 268 -24.31 9.51 -2.64
CA VAL A 268 -24.28 8.12 -2.16
C VAL A 268 -25.64 7.41 -2.28
N GLY A 269 -26.72 8.08 -1.89
CA GLY A 269 -28.07 7.50 -1.97
C GLY A 269 -28.30 6.37 -0.98
N ARG A 270 -29.13 5.41 -1.38
CA ARG A 270 -29.45 4.25 -0.54
C ARG A 270 -29.35 2.96 -1.37
N HIS A 271 -28.55 2.01 -0.87
CA HIS A 271 -28.25 0.76 -1.57
C HIS A 271 -28.13 -0.41 -0.61
N SER A 272 -28.62 -1.57 -1.03
CA SER A 272 -28.46 -2.80 -0.27
C SER A 272 -27.08 -3.40 -0.56
N ARG A 273 -26.69 -4.38 0.25
CA ARG A 273 -25.40 -5.05 0.11
C ARG A 273 -25.40 -6.01 -1.08
N LYS A 274 -24.34 -5.96 -1.89
CA LYS A 274 -24.14 -6.91 -2.97
C LYS A 274 -23.20 -8.01 -2.49
N PRO A 275 -23.75 -9.22 -2.24
CA PRO A 275 -22.94 -10.37 -1.84
C PRO A 275 -21.77 -10.58 -2.79
N TRP A 276 -20.61 -10.96 -2.23
CA TRP A 276 -19.37 -11.09 -2.99
C TRP A 276 -19.47 -12.06 -4.15
N LEU A 277 -20.30 -13.08 -3.98
CA LEU A 277 -20.47 -14.12 -5.00
C LEU A 277 -21.14 -13.61 -6.27
N LYS A 278 -21.69 -12.40 -6.20
CA LYS A 278 -22.29 -11.75 -7.37
C LYS A 278 -21.26 -11.26 -8.39
N PHE A 279 -19.99 -11.29 -8.01
CA PHE A 279 -18.89 -10.88 -8.89
C PHE A 279 -18.20 -12.07 -9.58
N MET A 280 -18.76 -13.27 -9.40
CA MET A 280 -18.23 -14.49 -10.03
C MET A 280 -18.74 -14.67 -11.46
N ASN A 281 -17.86 -15.13 -12.34
CA ASN A 281 -18.20 -15.45 -13.72
C ASN A 281 -17.22 -16.45 -14.30
N ALA A 282 -17.35 -16.73 -15.59
CA ALA A 282 -16.46 -17.65 -16.30
C ALA A 282 -15.01 -17.16 -16.44
N ASP A 283 -14.79 -15.85 -16.44
CA ASP A 283 -13.43 -15.30 -16.46
C ASP A 283 -12.72 -15.43 -15.11
N ASN A 284 -13.45 -15.66 -14.02
CA ASN A 284 -12.85 -15.66 -12.69
C ASN A 284 -13.20 -16.82 -11.73
N GLN A 285 -14.10 -17.71 -12.18
CA GLN A 285 -14.58 -18.86 -11.40
C GLN A 285 -13.47 -19.70 -10.74
N HIS A 286 -12.30 -19.76 -11.42
CA HIS A 286 -11.16 -20.57 -10.94
C HIS A 286 -10.33 -19.94 -9.80
N LEU A 287 -10.60 -18.68 -9.46
CA LEU A 287 -9.85 -17.99 -8.39
C LEU A 287 -10.71 -17.65 -7.19
N VAL A 288 -12.01 -17.74 -7.35
CA VAL A 288 -12.95 -17.47 -6.27
C VAL A 288 -13.23 -18.79 -5.54
N SER A 289 -13.17 -18.71 -4.21
CA SER A 289 -13.46 -19.84 -3.33
C SER A 289 -14.11 -19.28 -2.06
N PRO A 290 -14.70 -20.16 -1.22
CA PRO A 290 -15.21 -19.72 0.10
C PRO A 290 -14.15 -19.07 0.98
N GLU A 291 -12.91 -19.55 0.90
CA GLU A 291 -11.79 -19.02 1.69
C GLU A 291 -11.35 -17.64 1.20
N ALA A 292 -11.14 -17.53 -0.12
CA ALA A 292 -10.91 -16.24 -0.78
C ALA A 292 -11.98 -15.19 -0.41
N ILE A 293 -13.25 -15.56 -0.55
CA ILE A 293 -14.37 -14.68 -0.19
C ILE A 293 -14.37 -14.27 1.30
N ASP A 294 -14.06 -15.22 2.19
CA ASP A 294 -14.09 -14.98 3.63
C ASP A 294 -12.97 -14.06 4.04
N PHE A 295 -11.80 -14.26 3.45
CA PHE A 295 -10.66 -13.39 3.64
C PHE A 295 -10.95 -11.97 3.14
N LEU A 296 -11.37 -11.86 1.87
CA LEU A 296 -11.75 -10.60 1.27
C LEU A 296 -12.74 -9.89 2.16
N ASP A 297 -13.72 -10.64 2.65
CA ASP A 297 -14.84 -10.10 3.42
C ASP A 297 -14.38 -9.42 4.72
N LYS A 298 -13.40 -10.00 5.39
CA LYS A 298 -12.89 -9.47 6.67
C LYS A 298 -11.91 -8.31 6.52
N LEU A 299 -11.49 -8.06 5.27
CA LEU A 299 -10.65 -6.90 4.94
C LEU A 299 -11.46 -5.69 4.52
N LEU A 300 -12.49 -5.93 3.70
CA LEU A 300 -13.27 -4.84 3.14
C LEU A 300 -14.46 -4.50 4.03
N ARG A 301 -14.14 -3.85 5.14
CA ARG A 301 -15.13 -3.41 6.11
C ARG A 301 -15.03 -1.90 6.20
N TYR A 302 -16.17 -1.20 6.22
CA TYR A 302 -16.17 0.25 6.47
C TYR A 302 -15.34 0.58 7.71
N ASP A 303 -15.69 -0.02 8.85
CA ASP A 303 -15.04 0.24 10.12
C ASP A 303 -13.61 -0.26 10.04
N HIS A 304 -12.67 0.67 10.04
CA HIS A 304 -11.25 0.36 10.07
C HIS A 304 -10.82 -0.47 11.29
N GLN A 305 -11.54 -0.35 12.41
CA GLN A 305 -11.19 -1.09 13.62
C GLN A 305 -11.62 -2.54 13.55
N GLU A 306 -12.47 -2.83 12.57
CA GLU A 306 -13.11 -4.14 12.40
C GLU A 306 -12.37 -5.02 11.37
N ARG A 307 -11.43 -4.44 10.65
CA ARG A 307 -10.67 -5.16 9.64
C ARG A 307 -9.59 -6.00 10.30
N LEU A 308 -9.23 -7.09 9.63
CA LEU A 308 -8.11 -7.95 10.00
C LEU A 308 -6.85 -7.13 9.98
N THR A 309 -5.98 -7.40 10.96
CA THR A 309 -4.67 -6.81 11.03
C THR A 309 -3.80 -7.66 10.14
N ALA A 310 -2.66 -7.11 9.72
CA ALA A 310 -1.80 -7.86 8.82
C ALA A 310 -1.38 -9.19 9.40
N LEU A 311 -1.19 -9.24 10.72
CA LEU A 311 -0.82 -10.49 11.40
C LEU A 311 -1.99 -11.49 11.41
N GLU A 312 -3.17 -11.03 11.81
CA GLU A 312 -4.38 -11.86 11.77
C GLU A 312 -4.63 -12.45 10.40
N ALA A 313 -4.41 -11.63 9.37
CA ALA A 313 -4.71 -11.96 7.99
C ALA A 313 -3.82 -13.10 7.51
N MET A 314 -2.55 -13.09 7.94
CA MET A 314 -1.55 -14.09 7.54
C MET A 314 -1.85 -15.50 8.04
N THR A 315 -2.64 -15.59 9.11
CA THR A 315 -3.00 -16.88 9.72
C THR A 315 -4.31 -17.43 9.17
N HIS A 316 -4.92 -16.73 8.21
CA HIS A 316 -6.23 -17.13 7.69
C HIS A 316 -6.06 -18.43 6.94
N PRO A 317 -6.95 -19.41 7.21
CA PRO A 317 -6.97 -20.66 6.45
C PRO A 317 -6.74 -20.48 4.95
N TYR A 318 -7.13 -19.33 4.38
CA TYR A 318 -6.87 -19.06 2.96
C TYR A 318 -5.40 -19.25 2.63
N PHE A 319 -4.53 -18.79 3.53
CA PHE A 319 -3.08 -18.80 3.33
C PHE A 319 -2.39 -20.04 3.87
N GLN A 320 -3.18 -20.99 4.37
CA GLN A 320 -2.71 -22.20 5.01
C GLN A 320 -1.65 -23.01 4.23
N GLN A 321 -1.92 -23.33 2.96
CA GLN A 321 -0.99 -24.10 2.14
C GLN A 321 0.33 -23.37 1.91
N VAL A 322 0.23 -22.04 1.80
CA VAL A 322 1.39 -21.15 1.73
C VAL A 322 2.27 -21.29 2.98
N ARG A 323 1.64 -21.27 4.16
CA ARG A 323 2.32 -21.44 5.45
C ARG A 323 2.98 -22.81 5.61
N ALA A 324 2.29 -23.86 5.15
CA ALA A 324 2.82 -25.22 5.20
C ALA A 324 4.09 -25.39 4.37
N ALA A 325 4.22 -24.61 3.29
CA ALA A 325 5.39 -24.72 2.41
C ALA A 325 6.64 -24.08 3.02
N GLU A 326 6.47 -23.29 4.08
CA GLU A 326 7.59 -22.82 4.88
C GLU A 326 7.94 -23.84 5.96
BR1 K22 B . 11.59 1.13 -6.67
C5 K22 B . 11.02 0.52 -8.36
C2 K22 B . 11.54 -0.71 -8.71
BR2 K22 B . 12.69 -1.68 -7.52
C7 K22 B . 10.16 1.20 -9.26
N14 K22 B . 9.49 2.38 -9.26
C13 K22 B . 8.81 2.49 -10.43
S10 K22 B . 7.83 3.72 -10.94
N6 K22 B . 9.03 1.41 -11.20
C8 K22 B . 9.85 0.62 -10.50
C4 K22 B . 10.38 -0.59 -10.84
BR4 K22 B . 9.99 -1.42 -12.52
C3 K22 B . 11.21 -1.22 -9.94
BR3 K22 B . 11.90 -2.86 -10.43
#